data_4C4Q
#
_entry.id   4C4Q
#
_cell.length_a   1.000
_cell.length_b   1.000
_cell.length_c   1.000
_cell.angle_alpha   90.00
_cell.angle_beta   90.00
_cell.angle_gamma   90.00
#
_symmetry.space_group_name_H-M   'P 1'
#
_entity_poly.entity_id   1
_entity_poly.type   'polyribonucleotide'
_entity_poly.pdbx_seq_one_letter_code
;GACUAGCCGUAGUGGCGAGCUCCCUGGGUGGUCUAAGUCCUGAGUACAGGACAGUCGUCAGUAGUUCGACGUGAGCACUA
GCCCACCUCGAGAUGCUACGUGGACGAGGGCAUGCCCAAGACACACCUUAACCCUGGCGGGGGUCGCUAGGGUGAAAUCA
CAUUAUGUGAUGGGGGUACGACCUGAUAGGGUGCUGCAGAGGCCCACUAGCAGGCUAGUAUAAAAAUCUCUGC
;
_entity_poly.pdbx_strand_id   N
#